data_5E1E
#
_entry.id   5E1E
#
_cell.length_a   43.095
_cell.length_b   88.708
_cell.length_c   174.928
_cell.angle_alpha   90.00
_cell.angle_beta   90.00
_cell.angle_gamma   90.00
#
_symmetry.space_group_name_H-M   'P 21 21 21'
#
loop_
_entity.id
_entity.type
_entity.pdbx_description
1 polymer 'Tyrosine-protein kinase JAK1'
2 non-polymer DI(HYDROXYETHYL)ETHER
3 non-polymer 6-chloro-2-(2-fluoro-4,5-dimethoxyphenyl)-N-(piperidin-4-ylmethyl)-3H-imidazo[4,5-b]pyridin-7-amine
4 water water
#
_entity_poly.entity_id   1
_entity_poly.type   'polypeptide(L)'
_entity_poly.pdbx_seq_one_letter_code
;VDPTHFEKRFLKRIRDLGEGHFGKVELCRYDPEGDNTGEQVAVKSLKPESGGNHIADLKKEIEILRNLYHENIVKYKGIC
TEDGGNGIKLIMEFLPSGSLKEYLPKNKNKINLKQQLKYAVQICKGMDYLGSRQYVHRDLAARNVLVESEHQVKIGDFGL
TKAIETDKE(PTR)(PTR)TVKDDRDSPVFWYAPECLMQSKFYIASDVWSFGVTLHELLTYCDSDSSPMALFLKMIGPTH
GQMTVTRLVNTLKEGKRLPCPPNCPDEVYQLMRKCWEFQPSNRTSFQNLIEGFEALLK
;
_entity_poly.pdbx_strand_id   A,B
#
loop_
_chem_comp.id
_chem_comp.type
_chem_comp.name
_chem_comp.formula
5JG non-polymer 6-chloro-2-(2-fluoro-4,5-dimethoxyphenyl)-N-(piperidin-4-ylmethyl)-3H-imidazo[4,5-b]pyridin-7-amine 'C20 H23 Cl F N5 O2'
PEG non-polymer DI(HYDROXYETHYL)ETHER 'C4 H10 O3'
#
# COMPACT_ATOMS: atom_id res chain seq x y z
N VAL A 1 -31.51 -8.06 9.86
CA VAL A 1 -30.48 -8.99 9.38
C VAL A 1 -30.28 -8.89 7.83
N ASP A 2 -29.28 -8.09 7.40
CA ASP A 2 -28.96 -7.92 5.99
C ASP A 2 -27.53 -8.41 5.71
N PRO A 3 -27.36 -9.59 5.08
CA PRO A 3 -26.00 -10.09 4.80
C PRO A 3 -25.18 -9.28 3.77
N THR A 4 -25.86 -8.35 3.05
CA THR A 4 -25.22 -7.47 2.07
C THR A 4 -24.96 -6.06 2.67
N HIS A 5 -25.25 -5.87 3.97
CA HIS A 5 -24.99 -4.61 4.63
C HIS A 5 -23.80 -4.78 5.58
N PHE A 6 -22.73 -4.05 5.30
CA PHE A 6 -21.47 -4.05 6.03
C PHE A 6 -21.38 -2.76 6.87
N GLU A 7 -21.21 -2.92 8.18
CA GLU A 7 -21.08 -1.81 9.12
C GLU A 7 -19.66 -1.27 9.02
N LYS A 8 -19.53 0.05 8.88
CA LYS A 8 -18.25 0.77 8.78
C LYS A 8 -17.27 0.45 9.92
N ARG A 9 -17.79 0.38 11.16
CA ARG A 9 -17.00 0.12 12.38
C ARG A 9 -16.28 -1.22 12.39
N PHE A 10 -16.76 -2.17 11.56
CA PHE A 10 -16.18 -3.51 11.47
C PHE A 10 -15.27 -3.72 10.25
N LEU A 11 -15.23 -2.74 9.33
CA LEU A 11 -14.44 -2.84 8.09
C LEU A 11 -13.03 -2.25 8.31
N LYS A 12 -12.05 -3.12 8.53
CA LYS A 12 -10.67 -2.74 8.87
C LYS A 12 -9.79 -2.79 7.65
N ARG A 13 -9.24 -1.64 7.26
CA ARG A 13 -8.36 -1.48 6.11
C ARG A 13 -7.03 -2.20 6.31
N ILE A 14 -6.65 -3.02 5.32
CA ILE A 14 -5.38 -3.74 5.32
C ILE A 14 -4.36 -3.01 4.44
N ARG A 15 -4.70 -2.71 3.15
N ARG A 15 -4.68 -2.75 3.14
CA ARG A 15 -3.83 -2.04 2.18
CA ARG A 15 -3.80 -2.10 2.15
C ARG A 15 -4.59 -1.66 0.89
C ARG A 15 -4.52 -1.78 0.83
N ASP A 16 -3.94 -0.90 -0.02
CA ASP A 16 -4.48 -0.50 -1.33
C ASP A 16 -4.25 -1.62 -2.34
N LEU A 17 -5.24 -1.84 -3.23
CA LEU A 17 -5.20 -2.85 -4.28
C LEU A 17 -5.06 -2.21 -5.65
N GLY A 18 -5.82 -1.12 -5.85
CA GLY A 18 -5.82 -0.35 -7.08
C GLY A 18 -6.44 1.02 -6.92
N GLU A 19 -6.14 1.92 -7.88
CA GLU A 19 -6.62 3.30 -8.01
C GLU A 19 -6.99 3.51 -9.48
N GLY A 20 -8.11 4.19 -9.76
CA GLY A 20 -8.59 4.40 -11.12
C GLY A 20 -9.43 5.63 -11.39
N HIS A 21 -10.56 5.42 -12.09
CA HIS A 21 -11.46 6.50 -12.48
C HIS A 21 -12.24 7.11 -11.30
N PHE A 22 -11.58 8.06 -10.58
CA PHE A 22 -12.10 8.78 -9.40
C PHE A 22 -12.41 7.84 -8.18
N GLY A 23 -11.89 6.60 -8.23
CA GLY A 23 -12.07 5.60 -7.19
C GLY A 23 -10.79 4.91 -6.74
N LYS A 24 -10.90 4.18 -5.61
CA LYS A 24 -9.81 3.39 -5.02
C LYS A 24 -10.36 2.08 -4.50
N VAL A 25 -9.59 1.01 -4.65
CA VAL A 25 -9.96 -0.31 -4.14
C VAL A 25 -8.94 -0.68 -3.07
N GLU A 26 -9.43 -1.14 -1.91
CA GLU A 26 -8.59 -1.53 -0.80
C GLU A 26 -8.98 -2.91 -0.32
N LEU A 27 -8.00 -3.61 0.25
CA LEU A 27 -8.16 -4.89 0.90
C LEU A 27 -8.55 -4.54 2.35
N CYS A 28 -9.66 -5.09 2.82
CA CYS A 28 -10.17 -4.87 4.16
C CYS A 28 -10.50 -6.21 4.77
N ARG A 29 -10.64 -6.25 6.09
CA ARG A 29 -11.13 -7.42 6.76
C ARG A 29 -12.43 -7.00 7.43
N TYR A 30 -13.54 -7.68 7.10
CA TYR A 30 -14.79 -7.38 7.79
C TYR A 30 -14.73 -8.21 9.06
N ASP A 31 -14.43 -7.57 10.22
CA ASP A 31 -14.20 -8.26 11.49
C ASP A 31 -15.20 -7.89 12.60
N PRO A 32 -16.50 -8.30 12.51
CA PRO A 32 -17.46 -7.97 13.58
C PRO A 32 -17.15 -8.53 14.98
N GLU A 33 -16.25 -9.52 15.10
CA GLU A 33 -15.85 -10.15 16.36
C GLU A 33 -14.55 -9.56 16.96
N GLY A 34 -13.82 -8.76 16.16
CA GLY A 34 -12.60 -8.07 16.57
C GLY A 34 -11.42 -8.94 16.95
N ASP A 35 -11.23 -10.09 16.29
CA ASP A 35 -10.12 -11.02 16.59
C ASP A 35 -9.29 -11.43 15.37
N ASN A 36 -9.47 -10.72 14.23
CA ASN A 36 -8.79 -10.95 12.96
C ASN A 36 -9.10 -12.34 12.37
N THR A 37 -10.34 -12.84 12.57
CA THR A 37 -10.79 -14.11 12.00
C THR A 37 -11.79 -13.84 10.87
N GLY A 38 -12.19 -12.56 10.76
CA GLY A 38 -13.13 -12.08 9.76
C GLY A 38 -12.66 -12.28 8.33
N GLU A 39 -13.60 -12.23 7.41
CA GLU A 39 -13.41 -12.42 5.98
C GLU A 39 -12.73 -11.17 5.33
N GLN A 40 -11.79 -11.42 4.41
CA GLN A 40 -11.15 -10.36 3.66
C GLN A 40 -12.02 -10.03 2.44
N VAL A 41 -12.21 -8.73 2.17
CA VAL A 41 -13.05 -8.25 1.10
C VAL A 41 -12.32 -7.12 0.36
N ALA A 42 -12.64 -6.91 -0.93
CA ALA A 42 -12.12 -5.80 -1.72
C ALA A 42 -13.18 -4.73 -1.60
N VAL A 43 -12.77 -3.52 -1.17
CA VAL A 43 -13.64 -2.38 -0.93
C VAL A 43 -13.31 -1.25 -1.89
N LYS A 44 -14.30 -0.87 -2.73
CA LYS A 44 -14.20 0.23 -3.67
C LYS A 44 -14.95 1.48 -3.11
N SER A 45 -14.24 2.59 -3.04
CA SER A 45 -14.74 3.87 -2.54
C SER A 45 -14.24 5.00 -3.43
N LEU A 46 -14.71 6.23 -3.21
CA LEU A 46 -14.29 7.39 -4.00
C LEU A 46 -13.16 8.15 -3.33
N LYS A 47 -12.34 8.81 -4.16
CA LYS A 47 -11.19 9.62 -3.74
C LYS A 47 -11.63 10.97 -3.19
N ASN A 53 -18.39 15.76 -8.81
CA ASN A 53 -18.63 14.69 -7.84
C ASN A 53 -19.07 13.40 -8.55
N HIS A 54 -18.47 12.24 -8.15
CA HIS A 54 -18.64 10.95 -8.82
C HIS A 54 -19.33 9.82 -8.01
N ILE A 55 -20.22 10.17 -7.05
CA ILE A 55 -20.98 9.17 -6.27
C ILE A 55 -21.99 8.48 -7.17
N ALA A 56 -22.56 9.22 -8.14
CA ALA A 56 -23.55 8.72 -9.07
C ALA A 56 -23.03 7.56 -9.91
N ASP A 57 -21.76 7.62 -10.38
CA ASP A 57 -21.14 6.55 -11.16
C ASP A 57 -20.89 5.31 -10.30
N LEU A 58 -20.43 5.50 -9.05
CA LEU A 58 -20.19 4.40 -8.13
C LEU A 58 -21.49 3.65 -7.83
N LYS A 59 -22.58 4.39 -7.62
CA LYS A 59 -23.90 3.84 -7.38
C LYS A 59 -24.46 3.04 -8.57
N LYS A 60 -24.15 3.48 -9.81
CA LYS A 60 -24.58 2.79 -11.05
C LYS A 60 -23.77 1.51 -11.23
N GLU A 61 -22.49 1.55 -10.86
CA GLU A 61 -21.59 0.41 -10.91
C GLU A 61 -22.03 -0.67 -9.92
N ILE A 62 -22.42 -0.26 -8.69
CA ILE A 62 -22.95 -1.14 -7.64
C ILE A 62 -24.22 -1.81 -8.17
N GLU A 63 -25.15 -1.04 -8.80
CA GLU A 63 -26.42 -1.58 -9.33
C GLU A 63 -26.18 -2.60 -10.44
N ILE A 64 -25.18 -2.35 -11.31
CA ILE A 64 -24.80 -3.27 -12.38
C ILE A 64 -24.26 -4.58 -11.77
N LEU A 65 -23.25 -4.51 -10.90
CA LEU A 65 -22.58 -5.69 -10.35
C LEU A 65 -23.46 -6.56 -9.41
N ARG A 66 -24.33 -5.92 -8.67
CA ARG A 66 -25.28 -6.59 -7.77
C ARG A 66 -26.21 -7.59 -8.56
N ASN A 67 -26.51 -7.27 -9.83
CA ASN A 67 -27.41 -8.07 -10.67
C ASN A 67 -26.67 -8.92 -11.70
N LEU A 68 -25.36 -9.06 -11.54
CA LEU A 68 -24.54 -9.93 -12.38
C LEU A 68 -24.20 -11.18 -11.56
N TYR A 69 -24.49 -12.37 -12.14
N TYR A 69 -24.48 -12.37 -12.12
CA TYR A 69 -24.27 -13.66 -11.50
CA TYR A 69 -24.20 -13.63 -11.43
C TYR A 69 -23.64 -14.60 -12.52
C TYR A 69 -23.64 -14.64 -12.43
N HIS A 70 -22.31 -14.71 -12.51
CA HIS A 70 -21.62 -15.60 -13.46
C HIS A 70 -20.34 -16.03 -12.81
N GLU A 71 -19.90 -17.26 -13.07
CA GLU A 71 -18.66 -17.78 -12.48
C GLU A 71 -17.41 -16.99 -12.93
N ASN A 72 -17.44 -16.34 -14.11
CA ASN A 72 -16.32 -15.55 -14.62
C ASN A 72 -16.53 -14.05 -14.42
N ILE A 73 -17.37 -13.69 -13.43
CA ILE A 73 -17.57 -12.30 -13.06
C ILE A 73 -17.32 -12.21 -11.55
N VAL A 74 -16.43 -11.28 -11.13
CA VAL A 74 -16.12 -11.03 -9.71
C VAL A 74 -17.45 -10.86 -8.92
N LYS A 75 -17.56 -11.52 -7.77
CA LYS A 75 -18.79 -11.47 -6.98
C LYS A 75 -18.97 -10.23 -6.12
N TYR A 76 -20.16 -9.65 -6.20
CA TYR A 76 -20.66 -8.58 -5.33
C TYR A 76 -20.95 -9.25 -3.97
N LYS A 77 -20.69 -8.55 -2.87
CA LYS A 77 -20.93 -9.04 -1.53
C LYS A 77 -21.88 -8.13 -0.78
N GLY A 78 -21.77 -6.85 -1.04
CA GLY A 78 -22.64 -5.89 -0.41
C GLY A 78 -22.17 -4.48 -0.58
N ILE A 79 -22.65 -3.63 0.34
CA ILE A 79 -22.36 -2.20 0.42
C ILE A 79 -22.18 -1.77 1.86
N CYS A 80 -21.47 -0.66 2.03
CA CYS A 80 -21.27 0.03 3.30
C CYS A 80 -21.71 1.48 3.04
N THR A 81 -22.79 1.92 3.70
CA THR A 81 -23.34 3.27 3.58
C THR A 81 -22.93 4.11 4.78
N ASN A 86 -24.17 10.85 2.87
CA ASN A 86 -24.69 10.15 1.69
C ASN A 86 -23.59 9.41 0.88
N GLY A 87 -22.58 8.91 1.58
CA GLY A 87 -21.46 8.17 0.99
C GLY A 87 -21.77 6.68 0.92
N ILE A 88 -21.09 5.97 0.00
CA ILE A 88 -21.28 4.52 -0.22
C ILE A 88 -19.98 3.82 -0.63
N LYS A 89 -19.85 2.54 -0.24
CA LYS A 89 -18.70 1.70 -0.57
C LYS A 89 -19.21 0.41 -1.20
N LEU A 90 -18.54 -0.08 -2.26
CA LEU A 90 -18.88 -1.35 -2.91
C LEU A 90 -17.98 -2.45 -2.28
N ILE A 91 -18.60 -3.52 -1.76
CA ILE A 91 -17.92 -4.66 -1.13
C ILE A 91 -17.95 -5.83 -2.11
N MET A 92 -16.75 -6.31 -2.51
CA MET A 92 -16.61 -7.45 -3.42
C MET A 92 -15.79 -8.55 -2.80
N GLU A 93 -15.80 -9.74 -3.43
CA GLU A 93 -14.95 -10.83 -2.98
C GLU A 93 -13.47 -10.48 -3.26
N PHE A 94 -12.55 -10.96 -2.42
CA PHE A 94 -11.12 -10.71 -2.60
C PHE A 94 -10.43 -11.89 -3.29
N LEU A 95 -9.68 -11.61 -4.37
CA LEU A 95 -8.94 -12.64 -5.10
C LEU A 95 -7.45 -12.34 -4.88
N PRO A 96 -6.77 -13.07 -3.94
CA PRO A 96 -5.39 -12.71 -3.57
C PRO A 96 -4.34 -12.76 -4.67
N SER A 97 -4.60 -13.47 -5.78
CA SER A 97 -3.66 -13.57 -6.91
C SER A 97 -3.61 -12.30 -7.74
N GLY A 98 -4.58 -11.42 -7.57
CA GLY A 98 -4.59 -10.18 -8.31
C GLY A 98 -5.03 -10.37 -9.73
N SER A 99 -4.57 -9.50 -10.64
CA SER A 99 -4.93 -9.65 -12.04
C SER A 99 -3.91 -10.46 -12.88
N LEU A 100 -4.20 -10.66 -14.17
CA LEU A 100 -3.33 -11.31 -15.14
C LEU A 100 -1.98 -10.57 -15.23
N LYS A 101 -1.98 -9.24 -15.09
CA LYS A 101 -0.81 -8.36 -15.11
C LYS A 101 0.20 -8.72 -13.99
N GLU A 102 -0.31 -9.15 -12.81
CA GLU A 102 0.57 -9.52 -11.69
C GLU A 102 0.87 -11.00 -11.76
N TYR A 103 -0.15 -11.77 -12.05
CA TYR A 103 -0.08 -13.20 -12.00
C TYR A 103 0.75 -13.81 -13.09
N LEU A 104 0.45 -13.51 -14.37
CA LEU A 104 1.14 -14.08 -15.54
C LEU A 104 2.68 -13.94 -15.49
N PRO A 105 3.29 -12.77 -15.22
CA PRO A 105 4.78 -12.71 -15.20
C PRO A 105 5.46 -13.67 -14.23
N LYS A 106 4.77 -14.02 -13.12
CA LYS A 106 5.30 -14.89 -12.04
C LYS A 106 4.93 -16.38 -12.16
N ASN A 107 4.11 -16.76 -13.16
CA ASN A 107 3.64 -18.14 -13.29
C ASN A 107 3.76 -18.71 -14.71
N LYS A 108 4.66 -18.18 -15.52
CA LYS A 108 4.89 -18.63 -16.92
C LYS A 108 5.04 -20.15 -17.02
N ASN A 109 5.81 -20.75 -16.10
CA ASN A 109 6.08 -22.19 -16.05
C ASN A 109 4.85 -23.05 -15.82
N LYS A 110 3.91 -22.54 -15.02
CA LYS A 110 2.67 -23.21 -14.66
C LYS A 110 1.59 -23.01 -15.75
N ILE A 111 1.58 -21.81 -16.39
CA ILE A 111 0.54 -21.40 -17.36
C ILE A 111 1.05 -21.63 -18.78
N ASN A 112 0.71 -22.80 -19.34
CA ASN A 112 1.08 -23.17 -20.70
C ASN A 112 0.00 -22.72 -21.73
N LEU A 113 0.19 -23.03 -23.03
CA LEU A 113 -0.75 -22.59 -24.07
C LEU A 113 -2.21 -23.07 -23.80
N LYS A 114 -2.39 -24.33 -23.45
CA LYS A 114 -3.65 -24.95 -23.12
C LYS A 114 -4.43 -24.16 -22.03
N GLN A 115 -3.74 -23.77 -20.95
CA GLN A 115 -4.30 -23.01 -19.84
C GLN A 115 -4.66 -21.54 -20.27
N GLN A 116 -3.82 -20.91 -21.12
CA GLN A 116 -4.07 -19.59 -21.69
C GLN A 116 -5.38 -19.61 -22.53
N LEU A 117 -5.60 -20.70 -23.27
CA LEU A 117 -6.81 -20.86 -24.08
C LEU A 117 -8.01 -21.06 -23.20
N LYS A 118 -7.84 -21.75 -22.05
CA LYS A 118 -8.91 -21.97 -21.09
C LYS A 118 -9.32 -20.66 -20.42
N TYR A 119 -8.35 -19.77 -20.13
CA TYR A 119 -8.61 -18.43 -19.62
C TYR A 119 -9.33 -17.60 -20.68
N ALA A 120 -8.92 -17.72 -21.99
CA ALA A 120 -9.56 -16.92 -23.07
C ALA A 120 -11.07 -17.29 -23.19
N VAL A 121 -11.39 -18.59 -23.16
CA VAL A 121 -12.77 -19.11 -23.15
C VAL A 121 -13.55 -18.51 -21.93
N GLN A 122 -12.97 -18.55 -20.72
CA GLN A 122 -13.61 -18.01 -19.52
C GLN A 122 -13.88 -16.52 -19.64
N ILE A 123 -12.90 -15.74 -20.17
CA ILE A 123 -13.08 -14.29 -20.43
C ILE A 123 -14.26 -14.10 -21.41
N CYS A 124 -14.31 -14.88 -22.52
CA CYS A 124 -15.40 -14.79 -23.51
C CYS A 124 -16.76 -15.09 -22.93
N LYS A 125 -16.85 -16.11 -22.05
CA LYS A 125 -18.10 -16.50 -21.41
C LYS A 125 -18.63 -15.39 -20.52
N GLY A 126 -17.77 -14.80 -19.70
CA GLY A 126 -18.15 -13.68 -18.85
C GLY A 126 -18.62 -12.46 -19.62
N MET A 127 -17.93 -12.17 -20.73
CA MET A 127 -18.22 -11.06 -21.67
C MET A 127 -19.51 -11.30 -22.45
N ASP A 128 -19.72 -12.54 -22.89
CA ASP A 128 -20.93 -12.86 -23.59
C ASP A 128 -22.15 -12.74 -22.65
N TYR A 129 -21.98 -13.10 -21.38
CA TYR A 129 -23.03 -12.97 -20.37
C TYR A 129 -23.37 -11.48 -20.14
N LEU A 130 -22.35 -10.62 -20.10
CA LEU A 130 -22.50 -9.17 -19.94
C LEU A 130 -23.25 -8.58 -21.13
N GLY A 131 -22.86 -9.01 -22.34
CA GLY A 131 -23.48 -8.58 -23.59
C GLY A 131 -24.93 -9.00 -23.70
N SER A 132 -25.31 -10.17 -23.15
CA SER A 132 -26.68 -10.68 -23.17
C SER A 132 -27.59 -9.86 -22.22
N ARG A 133 -26.98 -9.15 -21.26
CA ARG A 133 -27.68 -8.30 -20.29
C ARG A 133 -27.75 -6.85 -20.86
N GLN A 134 -27.17 -6.68 -22.08
CA GLN A 134 -27.10 -5.46 -22.89
C GLN A 134 -26.14 -4.43 -22.26
N TYR A 135 -24.96 -4.90 -21.86
CA TYR A 135 -23.96 -4.01 -21.31
C TYR A 135 -22.73 -4.04 -22.20
N VAL A 136 -22.01 -2.90 -22.24
CA VAL A 136 -20.69 -2.72 -22.83
C VAL A 136 -19.77 -2.45 -21.64
N HIS A 137 -18.67 -3.23 -21.53
CA HIS A 137 -17.71 -3.13 -20.44
C HIS A 137 -16.79 -1.89 -20.58
N ARG A 138 -16.30 -1.62 -21.81
CA ARG A 138 -15.43 -0.48 -22.20
C ARG A 138 -14.00 -0.48 -21.54
N ASP A 139 -13.65 -1.46 -20.71
CA ASP A 139 -12.33 -1.45 -20.10
C ASP A 139 -11.75 -2.87 -20.03
N LEU A 140 -12.08 -3.69 -21.05
CA LEU A 140 -11.54 -5.04 -21.11
C LEU A 140 -10.04 -5.00 -21.47
N ALA A 141 -9.21 -5.34 -20.49
CA ALA A 141 -7.76 -5.44 -20.57
C ALA A 141 -7.33 -6.51 -19.56
N ALA A 142 -6.11 -7.07 -19.72
CA ALA A 142 -5.55 -8.10 -18.82
C ALA A 142 -5.45 -7.61 -17.35
N ARG A 143 -5.21 -6.31 -17.16
N ARG A 143 -5.19 -6.30 -17.14
CA ARG A 143 -5.10 -5.67 -15.83
CA ARG A 143 -5.09 -5.72 -15.80
C ARG A 143 -6.43 -5.73 -15.09
C ARG A 143 -6.44 -5.77 -15.07
N ASN A 144 -7.55 -5.93 -15.82
CA ASN A 144 -8.89 -6.00 -15.24
C ASN A 144 -9.42 -7.41 -15.15
N VAL A 145 -8.61 -8.42 -15.52
CA VAL A 145 -8.99 -9.84 -15.45
C VAL A 145 -8.34 -10.40 -14.21
N LEU A 146 -9.16 -10.75 -13.20
CA LEU A 146 -8.72 -11.23 -11.90
C LEU A 146 -8.51 -12.71 -11.89
N VAL A 147 -7.54 -13.20 -11.14
CA VAL A 147 -7.23 -14.63 -11.07
C VAL A 147 -7.81 -15.24 -9.77
N GLU A 148 -8.77 -16.17 -9.88
CA GLU A 148 -9.34 -16.89 -8.75
C GLU A 148 -8.39 -18.01 -8.34
N SER A 149 -7.79 -18.71 -9.33
CA SER A 149 -6.84 -19.82 -9.18
C SER A 149 -6.12 -20.03 -10.51
N GLU A 150 -5.28 -21.06 -10.62
CA GLU A 150 -4.60 -21.39 -11.88
C GLU A 150 -5.57 -21.93 -12.95
N HIS A 151 -6.79 -22.32 -12.54
CA HIS A 151 -7.79 -22.87 -13.45
C HIS A 151 -8.91 -21.89 -13.74
N GLN A 152 -8.99 -20.76 -13.00
CA GLN A 152 -10.12 -19.83 -13.17
C GLN A 152 -9.75 -18.36 -13.10
N VAL A 153 -10.36 -17.56 -13.99
CA VAL A 153 -10.26 -16.09 -14.07
C VAL A 153 -11.67 -15.50 -14.00
N LYS A 154 -11.74 -14.23 -13.62
CA LYS A 154 -12.99 -13.45 -13.49
C LYS A 154 -12.77 -12.03 -13.97
N ILE A 155 -13.78 -11.49 -14.66
CA ILE A 155 -13.76 -10.10 -15.06
C ILE A 155 -14.03 -9.26 -13.81
N GLY A 156 -13.17 -8.28 -13.58
CA GLY A 156 -13.30 -7.33 -12.49
C GLY A 156 -13.41 -5.95 -13.11
N ASP A 157 -13.48 -4.93 -12.26
CA ASP A 157 -13.57 -3.53 -12.61
C ASP A 157 -14.68 -3.20 -13.64
N PHE A 158 -15.88 -2.95 -13.12
CA PHE A 158 -17.02 -2.56 -13.95
C PHE A 158 -17.25 -1.06 -13.86
N GLY A 159 -16.17 -0.31 -13.66
CA GLY A 159 -16.17 1.15 -13.51
C GLY A 159 -16.57 2.00 -14.70
N LEU A 160 -16.41 1.47 -15.92
CA LEU A 160 -16.75 2.17 -17.18
C LEU A 160 -18.00 1.54 -17.87
N THR A 161 -18.54 0.45 -17.29
CA THR A 161 -19.67 -0.33 -17.79
C THR A 161 -20.94 0.51 -17.98
N LYS A 162 -21.47 0.44 -19.20
CA LYS A 162 -22.66 1.17 -19.60
C LYS A 162 -23.65 0.23 -20.26
N ALA A 163 -24.94 0.59 -20.16
CA ALA A 163 -26.04 -0.14 -20.75
C ALA A 163 -26.30 0.37 -22.17
N ILE A 164 -26.50 -0.54 -23.13
CA ILE A 164 -26.91 -0.14 -24.47
C ILE A 164 -28.45 -0.17 -24.40
N GLU A 165 -29.11 0.89 -24.89
CA GLU A 165 -30.56 0.99 -24.92
C GLU A 165 -31.17 -0.13 -25.79
N THR A 166 -32.42 -0.56 -25.46
CA THR A 166 -33.17 -1.57 -26.23
C THR A 166 -33.42 -0.98 -27.63
N ASP A 167 -33.23 -1.82 -28.68
CA ASP A 167 -33.40 -1.47 -30.10
C ASP A 167 -32.30 -0.47 -30.57
N LYS A 168 -31.14 -0.46 -29.87
CA LYS A 168 -29.97 0.36 -30.20
C LYS A 168 -28.76 -0.56 -30.23
N GLU A 169 -27.78 -0.24 -31.09
CA GLU A 169 -26.56 -1.07 -31.25
C GLU A 169 -25.34 -0.56 -30.47
N PTR A 170 -25.35 0.71 -30.02
CA PTR A 170 -24.21 1.29 -29.32
C PTR A 170 -24.58 2.31 -28.24
O PTR A 170 -25.73 2.77 -28.18
CB PTR A 170 -23.24 1.93 -30.38
CG PTR A 170 -23.81 3.11 -31.12
CD1 PTR A 170 -24.54 2.92 -32.33
CD2 PTR A 170 -23.64 4.43 -30.60
CE1 PTR A 170 -25.09 4.01 -32.98
CE2 PTR A 170 -24.21 5.52 -31.25
CZ PTR A 170 -24.92 5.34 -32.45
OH PTR A 170 -25.37 6.54 -33.01
P PTR A 170 -26.50 6.60 -34.07
O1P PTR A 170 -27.74 5.93 -33.42
O2P PTR A 170 -26.83 8.09 -34.25
O3P PTR A 170 -26.04 5.95 -35.39
N PTR A 171 -23.59 2.68 -27.42
CA PTR A 171 -23.67 3.71 -26.38
C PTR A 171 -22.69 4.84 -26.80
O PTR A 171 -21.54 4.56 -27.16
CB PTR A 171 -23.33 3.13 -24.97
CG PTR A 171 -23.24 4.23 -23.93
CD1 PTR A 171 -21.97 4.75 -23.57
CD2 PTR A 171 -24.42 4.74 -23.33
CE1 PTR A 171 -21.90 5.82 -22.63
CE2 PTR A 171 -24.33 5.78 -22.40
CZ PTR A 171 -23.07 6.34 -22.03
OH PTR A 171 -22.84 7.38 -21.08
P PTR A 171 -24.00 7.93 -20.17
O1P PTR A 171 -24.73 6.81 -19.39
O2P PTR A 171 -24.99 8.73 -21.01
O3P PTR A 171 -23.39 8.85 -19.12
N THR A 172 -23.15 6.10 -26.77
CA THR A 172 -22.35 7.29 -27.09
C THR A 172 -21.64 7.79 -25.81
N VAL A 173 -20.30 7.87 -25.83
CA VAL A 173 -19.50 8.29 -24.68
C VAL A 173 -19.24 9.81 -24.69
N LYS A 174 -19.40 10.44 -23.51
CA LYS A 174 -19.23 11.87 -23.31
C LYS A 174 -17.88 12.18 -22.61
N ASP A 175 -17.63 11.57 -21.43
CA ASP A 175 -16.38 11.74 -20.69
C ASP A 175 -15.38 10.66 -21.17
N ASP A 176 -14.40 11.07 -22.00
CA ASP A 176 -13.42 10.18 -22.64
C ASP A 176 -11.93 10.53 -22.41
N ARG A 177 -11.65 11.57 -21.59
CA ARG A 177 -10.31 12.09 -21.24
C ARG A 177 -9.30 10.98 -20.84
N ASP A 178 -9.75 9.97 -20.04
CA ASP A 178 -8.91 8.88 -19.54
C ASP A 178 -9.23 7.53 -20.24
N SER A 179 -9.45 7.58 -21.57
CA SER A 179 -9.75 6.40 -22.37
C SER A 179 -8.51 5.50 -22.58
N PRO A 180 -8.61 4.15 -22.38
CA PRO A 180 -7.47 3.26 -22.69
C PRO A 180 -7.43 3.03 -24.21
N VAL A 181 -6.98 4.08 -24.94
CA VAL A 181 -6.98 4.20 -26.41
C VAL A 181 -6.32 3.02 -27.14
N PHE A 182 -5.27 2.44 -26.59
CA PHE A 182 -4.56 1.34 -27.24
C PHE A 182 -5.32 -0.01 -27.17
N TRP A 183 -6.46 -0.03 -26.49
CA TRP A 183 -7.33 -1.19 -26.36
C TRP A 183 -8.65 -0.95 -27.11
N TYR A 184 -8.81 0.25 -27.68
CA TYR A 184 -10.06 0.71 -28.31
C TYR A 184 -10.17 0.53 -29.80
N ALA A 185 -11.38 0.10 -30.21
CA ALA A 185 -11.82 -0.10 -31.59
C ALA A 185 -11.87 1.23 -32.34
N PRO A 186 -11.70 1.28 -33.67
CA PRO A 186 -11.71 2.59 -34.38
C PRO A 186 -12.97 3.44 -34.18
N GLU A 187 -14.18 2.84 -34.12
CA GLU A 187 -15.42 3.61 -33.89
C GLU A 187 -15.44 4.34 -32.51
N CYS A 188 -14.68 3.79 -31.52
CA CYS A 188 -14.55 4.36 -30.16
C CYS A 188 -13.60 5.54 -30.20
N LEU A 189 -12.49 5.39 -30.94
CA LEU A 189 -11.51 6.47 -31.09
C LEU A 189 -12.02 7.60 -31.98
N MET A 190 -12.78 7.28 -33.04
CA MET A 190 -13.23 8.28 -34.00
C MET A 190 -14.55 9.00 -33.68
N GLN A 191 -15.57 8.25 -33.22
CA GLN A 191 -16.91 8.82 -32.97
C GLN A 191 -17.38 8.71 -31.53
N SER A 192 -16.63 8.00 -30.67
CA SER A 192 -16.96 7.77 -29.25
C SER A 192 -18.26 6.92 -29.14
N LYS A 193 -18.38 5.96 -30.07
CA LYS A 193 -19.48 5.00 -30.14
C LYS A 193 -18.94 3.65 -29.63
N PHE A 194 -19.72 3.00 -28.76
CA PHE A 194 -19.44 1.72 -28.12
C PHE A 194 -20.44 0.65 -28.41
N TYR A 195 -20.02 -0.35 -29.18
CA TYR A 195 -20.86 -1.49 -29.52
C TYR A 195 -20.41 -2.69 -28.70
N ILE A 196 -21.18 -3.79 -28.71
CA ILE A 196 -20.75 -5.06 -28.09
C ILE A 196 -19.47 -5.50 -28.85
N ALA A 197 -19.43 -5.27 -30.20
CA ALA A 197 -18.30 -5.55 -31.09
C ALA A 197 -17.04 -4.79 -30.69
N SER A 198 -17.20 -3.62 -30.03
CA SER A 198 -16.07 -2.82 -29.52
C SER A 198 -15.35 -3.60 -28.37
N ASP A 199 -16.12 -4.35 -27.55
CA ASP A 199 -15.63 -5.21 -26.46
C ASP A 199 -14.88 -6.43 -27.04
N VAL A 200 -15.33 -6.95 -28.20
CA VAL A 200 -14.69 -8.02 -29.00
C VAL A 200 -13.30 -7.52 -29.45
N TRP A 201 -13.19 -6.27 -29.97
CA TRP A 201 -11.92 -5.68 -30.34
C TRP A 201 -10.96 -5.69 -29.14
N SER A 202 -11.40 -5.15 -27.97
CA SER A 202 -10.62 -5.08 -26.73
C SER A 202 -10.24 -6.45 -26.24
N PHE A 203 -11.12 -7.47 -26.47
CA PHE A 203 -10.79 -8.84 -26.12
C PHE A 203 -9.59 -9.35 -26.95
N GLY A 204 -9.52 -9.00 -28.23
CA GLY A 204 -8.40 -9.39 -29.08
C GLY A 204 -7.07 -8.90 -28.55
N VAL A 205 -7.07 -7.69 -27.98
CA VAL A 205 -5.91 -7.00 -27.40
C VAL A 205 -5.54 -7.65 -26.06
N THR A 206 -6.55 -8.04 -25.25
CA THR A 206 -6.44 -8.71 -23.96
C THR A 206 -5.86 -10.12 -24.19
N LEU A 207 -6.30 -10.78 -25.26
CA LEU A 207 -5.76 -12.08 -25.68
C LEU A 207 -4.28 -11.96 -26.05
N HIS A 208 -3.90 -10.86 -26.72
CA HIS A 208 -2.51 -10.59 -27.09
C HIS A 208 -1.62 -10.50 -25.85
N GLU A 209 -2.09 -9.79 -24.81
CA GLU A 209 -1.38 -9.59 -23.53
C GLU A 209 -1.20 -10.91 -22.83
N LEU A 210 -2.29 -11.70 -22.76
CA LEU A 210 -2.32 -13.01 -22.14
C LEU A 210 -1.26 -13.95 -22.80
N LEU A 211 -1.19 -13.96 -24.16
CA LEU A 211 -0.23 -14.78 -24.90
C LEU A 211 1.20 -14.31 -24.73
N THR A 212 1.41 -13.02 -24.35
CA THR A 212 2.74 -12.44 -24.04
C THR A 212 3.03 -12.43 -22.52
N TYR A 213 2.13 -13.05 -21.70
CA TYR A 213 2.22 -13.12 -20.23
C TYR A 213 2.33 -11.70 -19.59
N CYS A 214 1.61 -10.71 -20.17
CA CYS A 214 1.60 -9.30 -19.74
C CYS A 214 3.01 -8.70 -19.56
N ASP A 215 3.93 -9.01 -20.50
CA ASP A 215 5.27 -8.43 -20.46
C ASP A 215 5.14 -7.00 -20.92
N SER A 216 5.61 -6.07 -20.08
CA SER A 216 5.55 -4.64 -20.30
C SER A 216 6.16 -4.20 -21.65
N ASP A 217 7.29 -4.82 -22.04
CA ASP A 217 7.96 -4.47 -23.30
C ASP A 217 7.19 -4.96 -24.56
N SER A 218 6.21 -5.86 -24.37
CA SER A 218 5.37 -6.42 -25.44
C SER A 218 3.92 -5.92 -25.32
N SER A 219 3.69 -4.92 -24.48
CA SER A 219 2.35 -4.41 -24.25
C SER A 219 1.78 -3.70 -25.47
N PRO A 220 0.44 -3.78 -25.65
CA PRO A 220 -0.22 -3.05 -26.77
C PRO A 220 0.21 -1.59 -26.87
N MET A 221 0.33 -0.86 -25.73
CA MET A 221 0.79 0.51 -25.74
C MET A 221 2.23 0.62 -26.23
N ALA A 222 3.19 -0.09 -25.61
CA ALA A 222 4.60 -0.13 -26.01
C ALA A 222 4.78 -0.49 -27.50
N LEU A 223 4.05 -1.49 -27.98
CA LEU A 223 4.09 -1.93 -29.37
C LEU A 223 3.48 -0.92 -30.33
N PHE A 224 2.31 -0.36 -29.99
CA PHE A 224 1.65 0.64 -30.84
C PHE A 224 2.48 1.94 -30.94
N LEU A 225 3.10 2.36 -29.82
CA LEU A 225 3.96 3.54 -29.77
C LEU A 225 5.24 3.35 -30.60
N LYS A 226 5.66 2.09 -30.83
CA LYS A 226 6.81 1.78 -31.68
C LYS A 226 6.37 2.00 -33.15
N MET A 227 5.16 1.54 -33.50
CA MET A 227 4.53 1.66 -34.82
C MET A 227 4.25 3.12 -35.24
N ILE A 228 3.73 3.95 -34.32
CA ILE A 228 3.29 5.33 -34.62
C ILE A 228 4.25 6.44 -34.14
N GLY A 229 5.13 6.15 -33.17
CA GLY A 229 6.05 7.11 -32.57
C GLY A 229 5.62 7.47 -31.15
N PRO A 230 6.55 7.60 -30.17
CA PRO A 230 6.12 7.90 -28.79
C PRO A 230 6.17 9.38 -28.38
N THR A 231 6.51 10.29 -29.29
CA THR A 231 6.69 11.72 -29.00
C THR A 231 5.66 12.67 -29.68
N HIS A 232 4.46 12.16 -30.03
CA HIS A 232 3.44 12.94 -30.73
C HIS A 232 2.39 13.64 -29.81
N GLY A 233 2.39 13.32 -28.51
CA GLY A 233 1.51 13.93 -27.51
C GLY A 233 0.03 13.91 -27.84
N GLN A 234 -0.59 15.10 -27.99
CA GLN A 234 -2.01 15.30 -28.35
C GLN A 234 -2.40 14.71 -29.74
N MET A 235 -1.41 14.38 -30.59
N MET A 235 -1.42 14.42 -30.62
CA MET A 235 -1.60 13.81 -31.93
CA MET A 235 -1.60 13.84 -31.95
C MET A 235 -1.50 12.28 -31.96
C MET A 235 -1.49 12.28 -31.97
N THR A 236 -1.29 11.64 -30.79
CA THR A 236 -1.17 10.16 -30.67
C THR A 236 -2.39 9.41 -31.20
N VAL A 237 -3.60 9.74 -30.70
CA VAL A 237 -4.85 9.08 -31.06
C VAL A 237 -5.12 9.13 -32.58
N THR A 238 -4.88 10.28 -33.20
CA THR A 238 -5.12 10.53 -34.62
C THR A 238 -4.11 9.71 -35.45
N ARG A 239 -2.86 9.60 -34.97
CA ARG A 239 -1.81 8.81 -35.62
C ARG A 239 -2.14 7.31 -35.50
N LEU A 240 -2.68 6.89 -34.33
CA LEU A 240 -3.16 5.54 -34.04
C LEU A 240 -4.36 5.16 -34.96
N VAL A 241 -5.37 6.07 -35.08
CA VAL A 241 -6.54 5.92 -35.96
C VAL A 241 -6.06 5.74 -37.43
N ASN A 242 -5.07 6.54 -37.85
CA ASN A 242 -4.49 6.50 -39.19
C ASN A 242 -3.81 5.16 -39.51
N THR A 243 -3.06 4.61 -38.54
CA THR A 243 -2.36 3.32 -38.61
C THR A 243 -3.34 2.16 -38.76
N LEU A 244 -4.41 2.14 -37.95
CA LEU A 244 -5.46 1.10 -38.00
C LEU A 244 -6.19 1.12 -39.35
N LYS A 245 -6.49 2.35 -39.86
CA LYS A 245 -7.13 2.60 -41.16
C LYS A 245 -6.30 2.00 -42.31
N GLU A 246 -4.95 1.99 -42.16
CA GLU A 246 -4.01 1.43 -43.13
C GLU A 246 -3.98 -0.10 -43.10
N GLY A 247 -4.61 -0.72 -42.09
CA GLY A 247 -4.70 -2.16 -41.94
C GLY A 247 -3.69 -2.79 -41.01
N LYS A 248 -2.85 -1.97 -40.35
CA LYS A 248 -1.83 -2.43 -39.41
C LYS A 248 -2.43 -2.83 -38.08
N ARG A 249 -2.00 -4.02 -37.58
CA ARG A 249 -2.45 -4.60 -36.32
C ARG A 249 -1.24 -5.02 -35.50
N LEU A 250 -1.45 -5.41 -34.22
CA LEU A 250 -0.38 -5.92 -33.34
C LEU A 250 0.14 -7.23 -33.94
N PRO A 251 1.47 -7.49 -33.86
CA PRO A 251 2.01 -8.71 -34.50
C PRO A 251 1.69 -9.99 -33.73
N CYS A 252 1.90 -11.13 -34.37
CA CYS A 252 1.70 -12.42 -33.75
C CYS A 252 2.62 -12.56 -32.52
N PRO A 253 2.07 -12.84 -31.31
CA PRO A 253 2.95 -13.01 -30.15
C PRO A 253 3.97 -14.13 -30.37
N PRO A 254 5.15 -14.09 -29.70
CA PRO A 254 6.11 -15.20 -29.85
C PRO A 254 5.51 -16.51 -29.31
N ASN A 255 5.78 -17.62 -30.01
CA ASN A 255 5.31 -18.97 -29.68
C ASN A 255 3.78 -19.13 -29.80
N CYS A 256 3.13 -18.14 -30.42
CA CYS A 256 1.69 -18.21 -30.61
C CYS A 256 1.39 -18.90 -31.97
N PRO A 257 0.65 -20.04 -31.96
CA PRO A 257 0.31 -20.70 -33.25
C PRO A 257 -0.62 -19.82 -34.09
N ASP A 258 -0.44 -19.84 -35.41
CA ASP A 258 -1.18 -19.06 -36.41
C ASP A 258 -2.70 -19.19 -36.28
N GLU A 259 -3.20 -20.38 -35.95
CA GLU A 259 -4.64 -20.62 -35.75
C GLU A 259 -5.19 -19.79 -34.59
N VAL A 260 -4.40 -19.58 -33.50
CA VAL A 260 -4.80 -18.73 -32.37
C VAL A 260 -4.75 -17.25 -32.83
N TYR A 261 -3.71 -16.89 -33.64
CA TYR A 261 -3.49 -15.56 -34.19
C TYR A 261 -4.64 -15.13 -35.13
N GLN A 262 -5.13 -16.07 -35.98
CA GLN A 262 -6.27 -15.82 -36.88
C GLN A 262 -7.56 -15.48 -36.15
N LEU A 263 -7.84 -16.18 -35.02
CA LEU A 263 -8.99 -15.92 -34.13
C LEU A 263 -8.92 -14.47 -33.58
N MET A 264 -7.71 -14.05 -33.15
CA MET A 264 -7.35 -12.73 -32.61
C MET A 264 -7.59 -11.63 -33.64
N ARG A 265 -7.23 -11.88 -34.90
CA ARG A 265 -7.33 -10.96 -36.03
C ARG A 265 -8.76 -10.71 -36.49
N LYS A 266 -9.66 -11.68 -36.22
CA LYS A 266 -11.11 -11.55 -36.47
C LYS A 266 -11.72 -10.59 -35.45
N CYS A 267 -11.01 -10.32 -34.33
CA CYS A 267 -11.46 -9.36 -33.31
C CYS A 267 -11.16 -7.95 -33.82
N TRP A 268 -10.21 -7.83 -34.75
CA TRP A 268 -9.65 -6.59 -35.26
C TRP A 268 -10.07 -6.18 -36.67
N GLU A 269 -11.27 -6.59 -37.12
CA GLU A 269 -11.84 -6.13 -38.40
C GLU A 269 -12.23 -4.66 -38.19
N PHE A 270 -11.79 -3.75 -39.09
CA PHE A 270 -12.08 -2.32 -38.98
C PHE A 270 -13.56 -2.04 -38.70
N GLN A 271 -14.45 -2.62 -39.53
CA GLN A 271 -15.90 -2.47 -39.40
C GLN A 271 -16.43 -3.34 -38.27
N PRO A 272 -17.20 -2.75 -37.31
CA PRO A 272 -17.74 -3.56 -36.19
C PRO A 272 -18.58 -4.77 -36.61
N SER A 273 -19.40 -4.64 -37.65
CA SER A 273 -20.27 -5.70 -38.17
C SER A 273 -19.50 -6.87 -38.84
N ASN A 274 -18.19 -6.67 -39.15
CA ASN A 274 -17.33 -7.70 -39.75
C ASN A 274 -16.59 -8.52 -38.70
N ARG A 275 -16.60 -8.05 -37.45
CA ARG A 275 -15.93 -8.69 -36.32
C ARG A 275 -16.62 -9.99 -35.90
N THR A 276 -15.82 -10.91 -35.33
CA THR A 276 -16.27 -12.17 -34.76
C THR A 276 -17.14 -11.86 -33.55
N SER A 277 -17.94 -12.83 -33.09
CA SER A 277 -18.75 -12.69 -31.89
C SER A 277 -18.02 -13.41 -30.74
N PHE A 278 -18.49 -13.27 -29.48
CA PHE A 278 -17.91 -13.99 -28.36
C PHE A 278 -18.17 -15.50 -28.46
N GLN A 279 -19.37 -15.87 -28.93
CA GLN A 279 -19.79 -17.26 -29.13
C GLN A 279 -18.95 -17.99 -30.21
N ASN A 280 -18.54 -17.28 -31.28
CA ASN A 280 -17.66 -17.82 -32.34
C ASN A 280 -16.24 -18.06 -31.78
N LEU A 281 -15.75 -17.12 -30.93
CA LEU A 281 -14.46 -17.25 -30.25
C LEU A 281 -14.40 -18.47 -29.33
N ILE A 282 -15.47 -18.70 -28.52
CA ILE A 282 -15.59 -19.86 -27.63
C ILE A 282 -15.49 -21.12 -28.49
N GLU A 283 -16.32 -21.21 -29.56
CA GLU A 283 -16.29 -22.35 -30.48
C GLU A 283 -14.88 -22.58 -31.05
N GLY A 284 -14.23 -21.50 -31.50
CA GLY A 284 -12.88 -21.54 -32.04
C GLY A 284 -11.84 -22.04 -31.05
N PHE A 285 -11.81 -21.48 -29.82
CA PHE A 285 -10.87 -21.92 -28.79
C PHE A 285 -11.11 -23.38 -28.37
N GLU A 286 -12.39 -23.79 -28.23
CA GLU A 286 -12.78 -25.15 -27.82
C GLU A 286 -12.38 -26.22 -28.81
N ALA A 287 -12.45 -25.88 -30.13
CA ALA A 287 -12.02 -26.75 -31.24
C ALA A 287 -10.50 -26.95 -31.16
N LEU A 288 -9.76 -25.94 -30.69
CA LEU A 288 -8.30 -26.03 -30.51
C LEU A 288 -7.92 -26.85 -29.27
N LEU A 289 -8.75 -26.75 -28.21
CA LEU A 289 -8.57 -27.44 -26.94
C LEU A 289 -8.83 -28.97 -26.97
N LYS A 290 -9.89 -29.42 -27.66
CA LYS A 290 -10.27 -30.83 -27.76
C LYS A 290 -10.81 -31.16 -29.14
N VAL B 1 -8.67 3.03 45.98
CA VAL B 1 -7.54 2.22 45.49
C VAL B 1 -7.39 2.35 43.94
N ASP B 2 -6.45 3.21 43.49
CA ASP B 2 -6.20 3.39 42.06
C ASP B 2 -4.75 3.00 41.74
N PRO B 3 -4.54 1.83 41.09
CA PRO B 3 -3.16 1.39 40.78
C PRO B 3 -2.42 2.25 39.76
N THR B 4 -3.14 3.15 39.07
CA THR B 4 -2.55 4.07 38.07
C THR B 4 -2.33 5.47 38.67
N HIS B 5 -2.56 5.61 39.99
CA HIS B 5 -2.41 6.88 40.72
C HIS B 5 -1.19 6.81 41.62
N PHE B 6 -0.14 7.57 41.25
CA PHE B 6 1.14 7.65 41.97
C PHE B 6 1.20 8.95 42.77
N GLU B 7 1.36 8.82 44.09
CA GLU B 7 1.48 9.95 45.00
C GLU B 7 2.86 10.52 44.91
N LYS B 8 2.96 11.85 44.75
CA LYS B 8 4.21 12.60 44.64
C LYS B 8 5.19 12.34 45.80
N ARG B 9 4.67 12.26 47.04
CA ARG B 9 5.48 12.07 48.26
CA ARG B 9 5.47 12.06 48.26
C ARG B 9 6.22 10.72 48.30
N PHE B 10 5.78 9.75 47.48
CA PHE B 10 6.41 8.43 47.41
C PHE B 10 7.30 8.24 46.19
N LEU B 11 7.30 9.18 45.24
CA LEU B 11 8.08 9.10 43.99
C LEU B 11 9.48 9.74 44.17
N LYS B 12 10.49 8.90 44.39
CA LYS B 12 11.84 9.37 44.66
C LYS B 12 12.70 9.34 43.43
N ARG B 13 13.15 10.53 42.98
CA ARG B 13 14.00 10.71 41.80
C ARG B 13 15.38 10.09 42.04
N ILE B 14 15.83 9.29 41.06
CA ILE B 14 17.15 8.71 41.10
C ILE B 14 18.07 9.48 40.14
N ARG B 15 17.79 9.48 38.83
N ARG B 15 17.84 9.38 38.81
CA ARG B 15 18.64 10.16 37.84
CA ARG B 15 18.69 10.04 37.80
C ARG B 15 17.90 10.35 36.53
C ARG B 15 17.92 10.29 36.48
N ASP B 16 18.47 11.17 35.62
CA ASP B 16 17.93 11.46 34.31
C ASP B 16 18.17 10.31 33.33
N LEU B 17 17.20 10.05 32.45
CA LEU B 17 17.24 8.99 31.43
C LEU B 17 17.36 9.60 30.05
N GLY B 18 16.59 10.65 29.81
CA GLY B 18 16.55 11.41 28.57
C GLY B 18 15.92 12.77 28.71
N GLU B 19 16.19 13.65 27.72
CA GLU B 19 15.70 15.02 27.58
C GLU B 19 15.26 15.20 26.12
N GLY B 20 14.15 15.90 25.90
CA GLY B 20 13.65 16.12 24.54
C GLY B 20 12.25 16.71 24.45
N HIS B 21 12.12 17.76 23.61
CA HIS B 21 10.92 18.51 23.24
C HIS B 21 10.12 19.02 24.46
N PHE B 22 10.79 19.92 25.24
CA PHE B 22 10.27 20.59 26.46
C PHE B 22 9.90 19.62 27.62
N GLY B 23 10.35 18.38 27.50
CA GLY B 23 10.15 17.36 28.53
C GLY B 23 11.45 16.72 28.99
N LYS B 24 11.34 15.89 30.02
CA LYS B 24 12.45 15.12 30.56
C LYS B 24 11.93 13.78 31.09
N VAL B 25 12.74 12.72 30.98
CA VAL B 25 12.42 11.40 31.52
C VAL B 25 13.46 11.09 32.60
N GLU B 26 12.98 10.66 33.77
CA GLU B 26 13.86 10.32 34.91
C GLU B 26 13.52 8.96 35.44
N LEU B 27 14.53 8.30 36.01
CA LEU B 27 14.37 7.05 36.73
C LEU B 27 14.01 7.44 38.16
N CYS B 28 12.92 6.87 38.69
CA CYS B 28 12.39 7.12 40.03
C CYS B 28 12.11 5.78 40.69
N ARG B 29 12.00 5.78 42.01
CA ARG B 29 11.55 4.61 42.72
C ARG B 29 10.24 4.99 43.40
N TYR B 30 9.15 4.28 43.09
CA TYR B 30 7.90 4.54 43.79
C TYR B 30 7.99 3.73 45.07
N ASP B 31 8.26 4.41 46.21
CA ASP B 31 8.50 3.73 47.49
C ASP B 31 7.48 4.10 48.60
N PRO B 32 6.20 3.64 48.50
CA PRO B 32 5.22 3.95 49.57
C PRO B 32 5.54 3.42 50.98
N GLU B 33 6.47 2.45 51.11
CA GLU B 33 6.88 1.87 52.39
C GLU B 33 8.15 2.54 52.99
N GLY B 34 8.86 3.33 52.18
CA GLY B 34 10.05 4.07 52.58
C GLY B 34 11.27 3.26 52.98
N ASP B 35 11.50 2.09 52.35
CA ASP B 35 12.64 1.23 52.67
C ASP B 35 13.50 0.81 51.46
N ASN B 36 13.31 1.49 50.32
CA ASN B 36 13.98 1.26 49.03
C ASN B 36 13.72 -0.14 48.47
N THR B 37 12.50 -0.68 48.70
CA THR B 37 12.08 -1.98 48.14
C THR B 37 11.08 -1.77 47.01
N GLY B 38 10.66 -0.50 46.86
CA GLY B 38 9.70 -0.08 45.85
C GLY B 38 10.17 -0.29 44.42
N GLU B 39 9.22 -0.30 43.52
CA GLU B 39 9.41 -0.50 42.08
C GLU B 39 10.04 0.74 41.39
N GLN B 40 10.99 0.51 40.48
CA GLN B 40 11.58 1.58 39.70
C GLN B 40 10.69 1.86 38.49
N VAL B 41 10.46 3.14 38.19
CA VAL B 41 9.60 3.57 37.10
C VAL B 41 10.30 4.69 36.32
N ALA B 42 9.97 4.85 35.02
CA ALA B 42 10.47 5.94 34.21
C ALA B 42 9.37 7.00 34.29
N VAL B 43 9.76 8.22 34.66
CA VAL B 43 8.86 9.36 34.89
C VAL B 43 9.14 10.45 33.89
N LYS B 44 8.10 10.79 33.10
CA LYS B 44 8.17 11.87 32.13
C LYS B 44 7.38 13.07 32.61
N SER B 45 8.07 14.21 32.71
CA SER B 45 7.48 15.47 33.12
C SER B 45 8.01 16.58 32.23
N LEU B 46 7.42 17.80 32.32
CA LEU B 46 7.83 18.95 31.53
C LEU B 46 9.10 19.60 32.11
N LYS B 47 9.78 20.45 31.33
CA LYS B 47 10.99 21.15 31.80
C LYS B 47 10.64 22.51 32.39
N ASN B 53 4.38 27.15 27.12
CA ASN B 53 4.00 26.06 28.03
C ASN B 53 3.39 24.87 27.24
N HIS B 54 3.89 23.64 27.53
CA HIS B 54 3.56 22.41 26.81
C HIS B 54 2.77 21.32 27.61
N ILE B 55 1.96 21.70 28.65
CA ILE B 55 1.17 20.74 29.42
C ILE B 55 0.18 19.99 28.54
N ALA B 56 -0.41 20.68 27.54
CA ALA B 56 -1.39 20.08 26.62
C ALA B 56 -0.80 18.92 25.85
N ASP B 57 0.44 19.08 25.34
CA ASP B 57 1.14 18.06 24.57
C ASP B 57 1.50 16.83 25.42
N LEU B 58 1.96 17.03 26.66
CA LEU B 58 2.24 15.93 27.58
C LEU B 58 0.94 15.15 27.90
N LYS B 59 -0.16 15.86 28.16
CA LYS B 59 -1.49 15.27 28.43
C LYS B 59 -2.00 14.45 27.25
N LYS B 60 -1.74 14.86 26.00
CA LYS B 60 -2.14 14.14 24.78
C LYS B 60 -1.29 12.88 24.66
N GLU B 61 -0.01 12.98 24.98
CA GLU B 61 0.91 11.85 24.96
C GLU B 61 0.50 10.77 25.96
N ILE B 62 0.10 11.18 27.17
CA ILE B 62 -0.42 10.31 28.23
C ILE B 62 -1.69 9.61 27.71
N GLU B 63 -2.64 10.37 27.09
CA GLU B 63 -3.88 9.80 26.54
C GLU B 63 -3.63 8.77 25.45
N ILE B 64 -2.64 9.02 24.57
CA ILE B 64 -2.23 8.11 23.52
C ILE B 64 -1.68 6.81 24.14
N LEU B 65 -0.67 6.90 25.03
CA LEU B 65 0.01 5.73 25.59
C LEU B 65 -0.85 4.88 26.53
N ARG B 66 -1.74 5.50 27.28
CA ARG B 66 -2.67 4.83 28.19
C ARG B 66 -3.59 3.82 27.41
N ASN B 67 -3.90 4.12 26.14
CA ASN B 67 -4.79 3.28 25.33
C ASN B 67 -4.03 2.44 24.27
N LEU B 68 -2.72 2.31 24.44
CA LEU B 68 -1.91 1.47 23.58
C LEU B 68 -1.53 0.22 24.41
N TYR B 69 -1.82 -0.99 23.89
CA TYR B 69 -1.46 -2.26 24.56
C TYR B 69 -0.89 -3.20 23.52
N HIS B 70 0.42 -3.26 23.46
CA HIS B 70 1.09 -4.14 22.53
C HIS B 70 2.39 -4.56 23.19
N GLU B 71 2.84 -5.79 22.95
CA GLU B 71 4.07 -6.28 23.55
C GLU B 71 5.33 -5.48 23.13
N ASN B 72 5.31 -4.85 21.95
CA ASN B 72 6.43 -4.05 21.44
C ASN B 72 6.21 -2.56 21.64
N ILE B 73 5.35 -2.20 22.62
CA ILE B 73 5.11 -0.81 23.00
C ILE B 73 5.34 -0.71 24.51
N VAL B 74 6.24 0.22 24.93
CA VAL B 74 6.54 0.47 26.35
C VAL B 74 5.21 0.64 27.14
N LYS B 75 5.10 -0.02 28.30
CA LYS B 75 3.88 0.02 29.09
C LYS B 75 3.68 1.28 29.94
N TYR B 76 2.46 1.83 29.85
CA TYR B 76 1.96 2.91 30.68
C TYR B 76 1.69 2.26 32.06
N LYS B 77 1.94 2.99 33.14
CA LYS B 77 1.72 2.52 34.51
C LYS B 77 0.76 3.43 35.22
N GLY B 78 0.83 4.71 34.93
CA GLY B 78 -0.04 5.66 35.57
C GLY B 78 0.39 7.08 35.36
N ILE B 79 -0.10 7.93 36.27
CA ILE B 79 0.15 9.37 36.32
C ILE B 79 0.33 9.83 37.77
N CYS B 80 1.01 10.96 37.91
CA CYS B 80 1.21 11.67 39.15
C CYS B 80 0.75 13.11 38.88
N THR B 81 -0.34 13.53 39.54
CA THR B 81 -0.91 14.88 39.39
C THR B 81 -0.53 15.73 40.57
N GLU B 82 -0.38 17.04 40.35
CA GLU B 82 -0.06 18.01 41.40
C GLU B 82 -1.19 19.03 41.56
N ASN B 86 -1.82 22.35 38.67
CA ASN B 86 -2.36 21.66 37.49
C ASN B 86 -1.26 20.96 36.64
N GLY B 87 -0.21 20.48 37.32
CA GLY B 87 0.89 19.77 36.69
C GLY B 87 0.61 18.27 36.66
N ILE B 88 1.28 17.54 35.73
CA ILE B 88 1.10 16.10 35.56
C ILE B 88 2.42 15.41 35.14
N LYS B 89 2.58 14.14 35.55
CA LYS B 89 3.73 13.32 35.24
C LYS B 89 3.24 12.01 34.66
N LEU B 90 3.91 11.51 33.59
CA LEU B 90 3.61 10.22 32.97
C LEU B 90 4.52 9.15 33.60
N ILE B 91 3.93 8.08 34.14
CA ILE B 91 4.63 6.98 34.81
C ILE B 91 4.63 5.77 33.85
N MET B 92 5.83 5.31 33.46
CA MET B 92 5.98 4.16 32.58
C MET B 92 6.82 3.08 33.23
N GLU B 93 6.86 1.89 32.61
CA GLU B 93 7.71 0.82 33.10
C GLU B 93 9.18 1.20 32.80
N PHE B 94 10.11 0.76 33.65
CA PHE B 94 11.54 1.02 33.46
C PHE B 94 12.23 -0.17 32.83
N LEU B 95 12.98 0.06 31.76
CA LEU B 95 13.72 -1.00 31.06
C LEU B 95 15.20 -0.69 31.28
N PRO B 96 15.88 -1.39 32.25
CA PRO B 96 17.26 -1.03 32.61
C PRO B 96 18.32 -1.12 31.52
N SER B 97 18.04 -1.87 30.43
CA SER B 97 18.99 -2.00 29.30
C SER B 97 19.04 -0.73 28.46
N GLY B 98 18.07 0.16 28.61
CA GLY B 98 18.02 1.41 27.87
C GLY B 98 17.62 1.17 26.44
N SER B 99 18.08 2.03 25.54
CA SER B 99 17.74 1.89 24.14
C SER B 99 18.77 1.07 23.32
N LEU B 100 18.48 0.85 22.03
CA LEU B 100 19.37 0.18 21.08
C LEU B 100 20.72 0.93 21.00
N LYS B 101 20.70 2.28 21.12
CA LYS B 101 21.88 3.15 21.13
C LYS B 101 22.87 2.79 22.27
N GLU B 102 22.35 2.38 23.44
CA GLU B 102 23.21 2.02 24.56
C GLU B 102 23.52 0.52 24.51
N TYR B 103 22.50 -0.24 24.21
CA TYR B 103 22.57 -1.68 24.27
C TYR B 103 23.43 -2.30 23.19
N LEU B 104 23.15 -2.01 21.90
CA LEU B 104 23.85 -2.58 20.75
C LEU B 104 25.39 -2.45 20.82
N PRO B 105 25.99 -1.27 21.10
CA PRO B 105 27.48 -1.21 21.16
C PRO B 105 28.16 -2.18 22.14
N LYS B 106 27.45 -2.53 23.23
CA LYS B 106 27.96 -3.39 24.30
C LYS B 106 27.61 -4.89 24.17
N ASN B 107 26.80 -5.26 23.17
CA ASN B 107 26.32 -6.65 23.01
C ASN B 107 26.45 -7.21 21.59
N LYS B 108 27.38 -6.68 20.79
CA LYS B 108 27.62 -7.13 19.40
C LYS B 108 27.77 -8.65 19.29
N ASN B 109 28.52 -9.26 20.21
CA ASN B 109 28.78 -10.70 20.24
C ASN B 109 27.55 -11.55 20.44
N LYS B 110 26.62 -11.07 21.24
CA LYS B 110 25.37 -11.73 21.60
C LYS B 110 24.31 -11.51 20.51
N ILE B 111 24.29 -10.31 19.88
CA ILE B 111 23.28 -9.91 18.90
C ILE B 111 23.79 -10.12 17.49
N ASN B 112 23.48 -11.30 16.93
CA ASN B 112 23.88 -11.66 15.57
C ASN B 112 22.82 -11.21 14.53
N LEU B 113 23.03 -11.51 13.22
CA LEU B 113 22.09 -11.08 12.17
C LEU B 113 20.64 -11.58 12.42
N LYS B 114 20.46 -12.85 12.77
CA LYS B 114 19.18 -13.47 13.07
C LYS B 114 18.39 -12.68 14.17
N GLN B 115 19.08 -12.28 15.26
CA GLN B 115 18.49 -11.51 16.36
C GLN B 115 18.14 -10.05 15.92
N GLN B 116 18.99 -9.42 15.09
CA GLN B 116 18.73 -8.10 14.51
C GLN B 116 17.44 -8.14 13.66
N LEU B 117 17.23 -9.22 12.92
CA LEU B 117 16.04 -9.40 12.09
C LEU B 117 14.80 -9.61 12.95
N LYS B 118 14.96 -10.28 14.11
CA LYS B 118 13.89 -10.49 15.07
C LYS B 118 13.48 -9.18 15.71
N TYR B 119 14.45 -8.29 16.01
CA TYR B 119 14.19 -6.94 16.54
C TYR B 119 13.46 -6.12 15.44
N ALA B 120 13.89 -6.24 14.15
CA ALA B 120 13.30 -5.54 12.98
C ALA B 120 11.79 -5.89 12.84
N VAL B 121 11.43 -7.17 12.95
CA VAL B 121 10.05 -7.68 12.96
C VAL B 121 9.26 -7.07 14.15
N GLN B 122 9.83 -7.10 15.37
CA GLN B 122 9.18 -6.54 16.56
C GLN B 122 8.90 -5.06 16.42
N ILE B 123 9.86 -4.27 15.86
CA ILE B 123 9.64 -2.84 15.63
C ILE B 123 8.47 -2.68 14.63
N CYS B 124 8.49 -3.43 13.52
CA CYS B 124 7.43 -3.37 12.50
C CYS B 124 6.07 -3.67 13.07
N LYS B 125 5.97 -4.69 13.97
CA LYS B 125 4.71 -5.08 14.62
C LYS B 125 4.17 -3.95 15.49
N GLY B 126 5.02 -3.35 16.31
CA GLY B 126 4.63 -2.23 17.16
C GLY B 126 4.15 -1.03 16.36
N MET B 127 4.84 -0.75 15.24
CA MET B 127 4.57 0.35 14.29
C MET B 127 3.28 0.09 13.49
N ASP B 128 3.09 -1.14 13.06
CA ASP B 128 1.89 -1.48 12.35
C ASP B 128 0.66 -1.37 13.28
N TYR B 129 0.83 -1.72 14.56
CA TYR B 129 -0.25 -1.59 15.56
C TYR B 129 -0.60 -0.10 15.76
N LEU B 130 0.41 0.77 15.80
CA LEU B 130 0.26 2.22 15.95
C LEU B 130 -0.47 2.79 14.75
N GLY B 131 -0.07 2.36 13.55
CA GLY B 131 -0.68 2.78 12.28
C GLY B 131 -2.13 2.35 12.15
N SER B 132 -2.50 1.18 12.69
CA SER B 132 -3.87 0.68 12.69
C SER B 132 -4.78 1.49 13.62
N ARG B 133 -4.16 2.19 14.58
CA ARG B 133 -4.83 3.06 15.54
C ARG B 133 -4.92 4.49 14.99
N GLN B 134 -4.39 4.67 13.76
CA GLN B 134 -4.32 5.89 12.96
C GLN B 134 -3.38 6.92 13.59
N TYR B 135 -2.20 6.46 14.01
CA TYR B 135 -1.20 7.34 14.57
C TYR B 135 0.03 7.33 13.71
N VAL B 136 0.73 8.47 13.67
CA VAL B 136 2.07 8.64 13.10
C VAL B 136 2.98 8.94 14.29
N HIS B 137 4.06 8.16 14.41
CA HIS B 137 5.01 8.26 15.52
C HIS B 137 5.93 9.50 15.39
N ARG B 138 6.44 9.78 14.17
CA ARG B 138 7.31 10.91 13.79
C ARG B 138 8.73 10.93 14.47
N ASP B 139 9.07 9.96 15.29
CA ASP B 139 10.39 9.96 15.94
C ASP B 139 10.97 8.54 16.00
N LEU B 140 10.67 7.73 14.99
CA LEU B 140 11.21 6.37 14.96
C LEU B 140 12.70 6.42 14.62
N ALA B 141 13.52 6.10 15.60
CA ALA B 141 14.97 6.07 15.61
C ALA B 141 15.38 4.98 16.59
N ALA B 142 16.60 4.39 16.45
CA ALA B 142 17.16 3.36 17.35
C ALA B 142 17.27 3.86 18.81
N ARG B 143 17.51 5.15 19.02
CA ARG B 143 17.59 5.73 20.36
C ARG B 143 16.21 5.74 21.05
N ASN B 144 15.11 5.53 20.27
CA ASN B 144 13.75 5.47 20.81
C ASN B 144 13.22 4.04 20.93
N VAL B 145 14.07 3.06 20.61
CA VAL B 145 13.70 1.65 20.69
C VAL B 145 14.35 1.11 21.94
N LEU B 146 13.53 0.77 22.95
CA LEU B 146 13.97 0.30 24.25
C LEU B 146 14.17 -1.20 24.27
N VAL B 147 15.14 -1.68 25.05
CA VAL B 147 15.44 -3.11 25.13
C VAL B 147 14.86 -3.71 26.42
N GLU B 148 13.91 -4.65 26.30
CA GLU B 148 13.31 -5.34 27.44
C GLU B 148 14.27 -6.47 27.86
N SER B 149 14.86 -7.18 26.87
CA SER B 149 15.81 -8.29 27.05
C SER B 149 16.55 -8.50 25.73
N GLU B 150 17.44 -9.49 25.65
CA GLU B 150 18.11 -9.81 24.38
C GLU B 150 17.12 -10.34 23.31
N HIS B 151 15.94 -10.82 23.73
CA HIS B 151 14.91 -11.36 22.84
C HIS B 151 13.76 -10.39 22.54
N GLN B 152 13.71 -9.23 23.20
CA GLN B 152 12.59 -8.30 23.01
C GLN B 152 12.96 -6.83 23.07
N VAL B 153 12.36 -6.04 22.17
CA VAL B 153 12.44 -4.58 22.07
C VAL B 153 11.05 -3.99 22.13
N LYS B 154 10.96 -2.71 22.51
CA LYS B 154 9.71 -1.92 22.61
C LYS B 154 9.93 -0.51 22.13
N ILE B 155 8.98 0.04 21.35
CA ILE B 155 9.01 1.45 20.95
C ILE B 155 8.66 2.18 22.25
N GLY B 156 9.50 3.12 22.67
CA GLY B 156 9.33 3.77 23.96
C GLY B 156 9.40 5.27 24.16
N ASP B 157 9.06 6.09 23.14
CA ASP B 157 8.97 7.57 23.31
C ASP B 157 7.91 8.02 22.35
N PHE B 158 6.79 8.55 22.86
CA PHE B 158 5.64 8.94 22.06
C PHE B 158 5.38 10.45 22.09
N GLY B 159 6.44 11.21 22.33
CA GLY B 159 6.43 12.66 22.45
C GLY B 159 6.05 13.48 21.24
N LEU B 160 6.21 12.92 20.02
CA LEU B 160 5.88 13.58 18.76
C LEU B 160 4.65 12.94 18.06
N THR B 161 4.12 11.86 18.63
CA THR B 161 2.99 11.07 18.12
C THR B 161 1.72 11.91 17.92
N LYS B 162 1.20 11.82 16.70
CA LYS B 162 0.02 12.54 16.28
C LYS B 162 -0.94 11.59 15.61
N ALA B 163 -2.24 11.94 15.70
CA ALA B 163 -3.33 11.20 15.09
C ALA B 163 -3.57 11.71 13.68
N ILE B 164 -3.73 10.81 12.71
CA ILE B 164 -4.11 11.22 11.36
C ILE B 164 -5.64 11.20 11.41
N GLU B 165 -6.29 12.27 10.94
CA GLU B 165 -7.74 12.40 10.91
C GLU B 165 -8.36 11.29 10.04
N THR B 166 -9.60 10.87 10.39
CA THR B 166 -10.36 9.87 9.62
C THR B 166 -10.61 10.45 8.21
N ASP B 167 -10.42 9.58 7.19
CA ASP B 167 -10.56 9.93 5.77
C ASP B 167 -9.47 10.91 5.29
N LYS B 168 -8.30 10.91 5.97
CA LYS B 168 -7.13 11.72 5.64
C LYS B 168 -5.91 10.80 5.60
N GLU B 169 -4.92 11.13 4.75
CA GLU B 169 -3.70 10.33 4.57
C GLU B 169 -2.48 10.83 5.35
N PTR B 170 -2.49 12.09 5.81
CA PTR B 170 -1.36 12.66 6.53
C PTR B 170 -1.75 13.67 7.60
O PTR B 170 -2.90 14.14 7.64
CB PTR B 170 -0.36 13.31 5.50
CG PTR B 170 -0.92 14.50 4.74
CD1 PTR B 170 -1.62 14.30 3.54
CD2 PTR B 170 -0.77 15.80 5.25
CE1 PTR B 170 -2.15 15.40 2.85
CE2 PTR B 170 -1.32 16.90 4.60
CZ PTR B 170 -2.01 16.72 3.39
OH PTR B 170 -2.45 17.92 2.79
P PTR B 170 -3.54 17.95 1.70
O1P PTR B 170 -4.79 17.20 2.23
O2P PTR B 170 -3.89 19.42 1.48
O3P PTR B 170 -3.03 17.35 0.41
N PTR B 171 -0.76 14.04 8.44
CA PTR B 171 -0.87 15.07 9.47
C PTR B 171 0.09 16.22 9.08
O PTR B 171 1.25 15.94 8.74
CB PTR B 171 -0.57 14.50 10.90
CG PTR B 171 -0.53 15.60 11.93
CD1 PTR B 171 0.72 16.13 12.33
CD2 PTR B 171 -1.74 16.10 12.50
CE1 PTR B 171 0.76 17.19 13.26
CE2 PTR B 171 -1.68 17.15 13.45
CZ PTR B 171 -0.43 17.71 13.84
OH PTR B 171 -0.23 18.74 14.79
P PTR B 171 -1.41 19.29 15.69
O1P PTR B 171 -2.14 18.14 16.45
O2P PTR B 171 -2.36 20.09 14.83
O3P PTR B 171 -0.79 20.20 16.75
N THR B 172 -0.39 17.48 9.11
CA THR B 172 0.41 18.67 8.81
C THR B 172 1.08 19.18 10.12
N VAL B 173 2.42 19.27 10.12
CA VAL B 173 3.19 19.70 11.30
C VAL B 173 3.45 21.22 11.30
N LYS B 174 3.26 21.84 12.47
CA LYS B 174 3.41 23.28 12.69
C LYS B 174 4.73 23.58 13.44
N ASP B 175 4.95 22.96 14.63
CA ASP B 175 6.18 23.14 15.40
C ASP B 175 7.20 22.07 14.96
N ASP B 176 8.22 22.49 14.15
CA ASP B 176 9.22 21.61 13.55
C ASP B 176 10.71 21.96 13.79
N ARG B 177 11.05 23.02 14.59
CA ARG B 177 12.46 23.42 14.81
C ARG B 177 13.39 22.30 15.33
N ASP B 178 12.85 21.38 16.16
CA ASP B 178 13.63 20.27 16.71
C ASP B 178 13.34 18.93 16.00
N SER B 179 13.17 18.98 14.66
CA SER B 179 12.91 17.80 13.83
C SER B 179 14.17 16.92 13.62
N PRO B 180 14.07 15.58 13.82
CA PRO B 180 15.23 14.71 13.53
C PRO B 180 15.32 14.49 12.01
N VAL B 181 15.78 15.53 11.31
CA VAL B 181 15.82 15.68 9.83
C VAL B 181 16.50 14.50 9.10
N PHE B 182 17.54 13.92 9.68
CA PHE B 182 18.28 12.83 9.03
C PHE B 182 17.52 11.47 9.07
N TRP B 183 16.36 11.44 9.73
CA TRP B 183 15.48 10.28 9.84
C TRP B 183 14.19 10.51 9.06
N TYR B 184 14.03 11.73 8.48
CA TYR B 184 12.81 12.17 7.83
C TYR B 184 12.73 11.99 6.34
N ALA B 185 11.51 11.57 5.91
CA ALA B 185 11.12 11.36 4.53
C ALA B 185 11.08 12.71 3.79
N PRO B 186 11.27 12.77 2.45
CA PRO B 186 11.27 14.08 1.77
C PRO B 186 10.00 14.92 1.93
N GLU B 187 8.80 14.32 1.96
CA GLU B 187 7.54 15.08 2.18
C GLU B 187 7.48 15.79 3.56
N CYS B 188 8.23 15.25 4.57
CA CYS B 188 8.32 15.80 5.92
C CYS B 188 9.27 16.98 5.91
N LEU B 189 10.40 16.87 5.20
CA LEU B 189 11.38 17.95 5.08
C LEU B 189 10.88 19.08 4.19
N MET B 190 10.15 18.76 3.11
CA MET B 190 9.71 19.77 2.15
C MET B 190 8.36 20.47 2.45
N GLN B 191 7.33 19.71 2.89
CA GLN B 191 6.00 20.25 3.11
C GLN B 191 5.48 20.13 4.55
N SER B 192 6.24 19.43 5.41
CA SER B 192 5.88 19.18 6.82
C SER B 192 4.57 18.32 6.89
N LYS B 193 4.48 17.35 5.95
CA LYS B 193 3.39 16.38 5.85
C LYS B 193 3.93 15.04 6.34
N PHE B 194 3.15 14.36 7.19
CA PHE B 194 3.51 13.09 7.81
C PHE B 194 2.47 12.02 7.54
N TYR B 195 2.84 11.03 6.75
CA TYR B 195 1.99 9.89 6.38
C TYR B 195 2.46 8.68 7.20
N ILE B 196 1.69 7.57 7.18
CA ILE B 196 2.12 6.32 7.79
C ILE B 196 3.42 5.88 7.05
N ALA B 197 3.49 6.13 5.71
CA ALA B 197 4.64 5.85 4.83
C ALA B 197 5.88 6.64 5.26
N SER B 198 5.71 7.81 5.92
CA SER B 198 6.82 8.60 6.47
C SER B 198 7.52 7.83 7.62
N ASP B 199 6.74 7.07 8.43
CA ASP B 199 7.21 6.21 9.52
C ASP B 199 7.99 5.00 8.96
N VAL B 200 7.56 4.48 7.78
CA VAL B 200 8.22 3.42 6.99
C VAL B 200 9.62 3.92 6.56
N TRP B 201 9.73 5.18 6.06
CA TRP B 201 11.01 5.78 5.71
C TRP B 201 11.95 5.78 6.94
N SER B 202 11.47 6.32 8.09
CA SER B 202 12.22 6.38 9.37
C SER B 202 12.61 4.99 9.84
N PHE B 203 11.74 3.98 9.59
CA PHE B 203 12.07 2.60 9.93
C PHE B 203 13.29 2.10 9.14
N GLY B 204 13.38 2.47 7.87
CA GLY B 204 14.53 2.08 7.04
C GLY B 204 15.85 2.58 7.61
N VAL B 205 15.83 3.79 8.17
CA VAL B 205 16.96 4.49 8.79
C VAL B 205 17.30 3.83 10.13
N THR B 206 16.27 3.43 10.91
CA THR B 206 16.36 2.74 12.21
C THR B 206 16.96 1.36 11.98
N LEU B 207 16.55 0.68 10.89
CA LEU B 207 17.11 -0.61 10.47
C LEU B 207 18.61 -0.46 10.14
N HIS B 208 18.98 0.63 9.49
CA HIS B 208 20.38 0.90 9.13
C HIS B 208 21.25 1.00 10.40
N GLU B 209 20.75 1.71 11.45
CA GLU B 209 21.43 1.91 12.72
C GLU B 209 21.60 0.58 13.42
N LEU B 210 20.52 -0.21 13.46
CA LEU B 210 20.48 -1.53 14.08
C LEU B 210 21.55 -2.46 13.44
N LEU B 211 21.66 -2.46 12.09
CA LEU B 211 22.63 -3.26 11.36
C LEU B 211 24.06 -2.79 11.57
N THR B 212 24.26 -1.51 11.97
CA THR B 212 25.58 -0.91 12.30
C THR B 212 25.83 -0.91 13.83
N TYR B 213 24.93 -1.54 14.62
CA TYR B 213 24.97 -1.62 16.09
C TYR B 213 25.07 -0.19 16.74
N CYS B 214 24.36 0.80 16.16
CA CYS B 214 24.34 2.20 16.58
C CYS B 214 25.74 2.81 16.81
N ASP B 215 26.69 2.49 15.92
CA ASP B 215 28.02 3.08 16.00
C ASP B 215 27.89 4.53 15.54
N SER B 216 28.34 5.45 16.40
CA SER B 216 28.29 6.89 16.18
C SER B 216 28.92 7.33 14.85
N ASP B 217 30.06 6.73 14.48
CA ASP B 217 30.76 7.08 13.23
C ASP B 217 30.02 6.58 11.96
N SER B 218 29.04 5.68 12.12
CA SER B 218 28.24 5.12 11.03
C SER B 218 26.79 5.60 11.12
N SER B 219 26.51 6.60 11.97
CA SER B 219 25.16 7.09 12.17
C SER B 219 24.62 7.81 10.94
N PRO B 220 23.27 7.73 10.71
CA PRO B 220 22.65 8.46 9.60
C PRO B 220 23.06 9.94 9.52
N MET B 221 23.16 10.64 10.67
CA MET B 221 23.61 12.03 10.68
C MET B 221 25.06 12.14 10.21
N ALA B 222 25.99 11.42 10.85
CA ALA B 222 27.43 11.40 10.49
C ALA B 222 27.65 11.06 9.00
N LEU B 223 26.92 10.07 8.50
CA LEU B 223 27.02 9.63 7.11
C LEU B 223 26.42 10.64 6.13
N PHE B 224 25.24 11.20 6.45
CA PHE B 224 24.59 12.20 5.60
C PHE B 224 25.41 13.50 5.54
N LEU B 225 26.01 13.92 6.67
CA LEU B 225 26.86 15.11 6.74
C LEU B 225 28.17 14.92 5.96
N LYS B 226 28.59 13.66 5.72
CA LYS B 226 29.77 13.35 4.90
C LYS B 226 29.38 13.59 3.42
N MET B 227 28.17 13.12 3.03
CA MET B 227 27.57 13.27 1.70
C MET B 227 27.30 14.71 1.29
N ILE B 228 26.75 15.55 2.20
CA ILE B 228 26.32 16.92 1.91
C ILE B 228 27.25 18.04 2.43
N GLY B 229 28.10 17.74 3.41
CA GLY B 229 29.01 18.69 4.05
C GLY B 229 28.54 19.03 5.46
N PRO B 230 29.44 19.17 6.46
CA PRO B 230 28.99 19.45 7.85
C PRO B 230 29.03 20.93 8.28
N THR B 231 29.38 21.85 7.37
CA THR B 231 29.55 23.28 7.67
C THR B 231 28.53 24.23 7.00
N HIS B 232 27.34 23.72 6.61
CA HIS B 232 26.32 24.50 5.89
C HIS B 232 25.25 25.19 6.80
N GLY B 233 25.23 24.86 8.09
CA GLY B 233 24.33 25.47 9.07
C GLY B 233 22.86 25.43 8.72
N GLN B 234 22.25 26.63 8.55
CA GLN B 234 20.83 26.81 8.19
C GLN B 234 20.47 26.25 6.80
N MET B 235 21.49 25.98 5.94
CA MET B 235 21.35 25.41 4.59
C MET B 235 21.39 23.87 4.54
N THR B 236 21.59 23.19 5.71
CA THR B 236 21.72 21.72 5.82
C THR B 236 20.51 20.95 5.24
N VAL B 237 19.30 21.24 5.73
CA VAL B 237 18.05 20.58 5.33
C VAL B 237 17.81 20.64 3.82
N THR B 238 18.06 21.82 3.21
CA THR B 238 17.85 22.06 1.80
C THR B 238 18.89 21.28 0.98
N ARG B 239 20.13 21.18 1.48
CA ARG B 239 21.19 20.39 0.84
C ARG B 239 20.87 18.89 0.93
N LEU B 240 20.31 18.46 2.08
CA LEU B 240 19.82 17.11 2.35
C LEU B 240 18.65 16.73 1.40
N VAL B 241 17.64 17.62 1.26
CA VAL B 241 16.48 17.48 0.34
C VAL B 241 17.00 17.31 -1.10
N ASN B 242 18.00 18.12 -1.49
CA ASN B 242 18.62 18.09 -2.81
C ASN B 242 19.30 16.76 -3.13
N THR B 243 20.02 16.20 -2.15
CA THR B 243 20.73 14.92 -2.21
C THR B 243 19.76 13.76 -2.40
N LEU B 244 18.67 13.72 -1.62
CA LEU B 244 17.63 12.68 -1.70
C LEU B 244 16.94 12.71 -3.06
N LYS B 245 16.63 13.94 -3.57
CA LYS B 245 16.03 14.21 -4.88
C LYS B 245 16.88 13.61 -6.02
N GLU B 246 18.22 13.61 -5.84
CA GLU B 246 19.20 13.07 -6.79
C GLU B 246 19.23 11.51 -6.77
N GLY B 247 18.57 10.91 -5.78
CA GLY B 247 18.48 9.46 -5.64
C GLY B 247 19.49 8.83 -4.69
N LYS B 248 20.31 9.66 -4.01
CA LYS B 248 21.31 9.20 -3.05
C LYS B 248 20.67 8.76 -1.74
N ARG B 249 21.11 7.59 -1.24
CA ARG B 249 20.64 6.99 -0.01
C ARG B 249 21.82 6.56 0.84
N LEU B 250 21.58 6.16 2.11
CA LEU B 250 22.65 5.66 3.00
C LEU B 250 23.19 4.35 2.39
N PRO B 251 24.52 4.11 2.50
CA PRO B 251 25.08 2.90 1.86
C PRO B 251 24.74 1.63 2.61
N CYS B 252 24.97 0.48 1.98
CA CYS B 252 24.76 -0.82 2.59
C CYS B 252 25.64 -0.95 3.84
N PRO B 253 25.08 -1.23 5.03
CA PRO B 253 25.93 -1.38 6.22
C PRO B 253 26.97 -2.51 6.02
N PRO B 254 28.14 -2.46 6.68
CA PRO B 254 29.11 -3.57 6.53
C PRO B 254 28.51 -4.87 7.08
N ASN B 255 28.78 -6.00 6.40
CA ASN B 255 28.30 -7.34 6.77
C ASN B 255 26.78 -7.48 6.63
N CYS B 256 26.13 -6.50 5.98
CA CYS B 256 24.71 -6.59 5.74
C CYS B 256 24.46 -7.28 4.37
N PRO B 257 23.73 -8.42 4.35
CA PRO B 257 23.44 -9.09 3.07
C PRO B 257 22.53 -8.23 2.20
N ASP B 258 22.73 -8.25 0.89
CA ASP B 258 22.01 -7.48 -0.12
C ASP B 258 20.49 -7.63 -0.03
N GLU B 259 19.99 -8.83 0.30
CA GLU B 259 18.55 -9.08 0.46
C GLU B 259 17.95 -8.25 1.62
N VAL B 260 18.73 -8.03 2.70
CA VAL B 260 18.28 -7.18 3.83
C VAL B 260 18.34 -5.71 3.37
N TYR B 261 19.39 -5.34 2.59
CA TYR B 261 19.60 -4.01 2.03
C TYR B 261 18.47 -3.60 1.08
N GLN B 262 18.00 -4.53 0.21
CA GLN B 262 16.90 -4.30 -0.71
C GLN B 262 15.58 -3.97 0.00
N LEU B 263 15.29 -4.67 1.14
CA LEU B 263 14.11 -4.42 1.98
C LEU B 263 14.15 -2.97 2.53
N MET B 264 15.33 -2.54 3.00
CA MET B 264 15.67 -1.21 3.53
C MET B 264 15.46 -0.11 2.48
N ARG B 265 15.91 -0.37 1.23
CA ARG B 265 15.83 0.54 0.08
C ARG B 265 14.39 0.80 -0.37
N LYS B 266 13.46 -0.18 -0.13
CA LYS B 266 12.02 -0.06 -0.42
C LYS B 266 11.37 0.90 0.60
N CYS B 267 12.05 1.18 1.74
CA CYS B 267 11.58 2.12 2.74
C CYS B 267 11.87 3.54 2.25
N TRP B 268 12.85 3.67 1.33
CA TRP B 268 13.40 4.93 0.85
C TRP B 268 13.02 5.34 -0.56
N GLU B 269 11.83 4.93 -1.04
CA GLU B 269 11.30 5.40 -2.32
C GLU B 269 10.88 6.86 -2.12
N PHE B 270 11.34 7.79 -2.99
CA PHE B 270 11.04 9.22 -2.88
C PHE B 270 9.54 9.48 -2.63
N GLN B 271 8.68 8.90 -3.49
CA GLN B 271 7.23 9.04 -3.39
C GLN B 271 6.67 8.15 -2.28
N PRO B 272 5.88 8.72 -1.33
CA PRO B 272 5.31 7.90 -0.24
C PRO B 272 4.50 6.67 -0.69
N SER B 273 3.71 6.82 -1.77
CA SER B 273 2.87 5.75 -2.32
C SER B 273 3.67 4.60 -2.97
N ASN B 274 4.98 4.81 -3.25
CA ASN B 274 5.86 3.80 -3.83
C ASN B 274 6.59 2.97 -2.77
N ARG B 275 6.55 3.43 -1.51
CA ARG B 275 7.18 2.77 -0.38
C ARG B 275 6.50 1.46 0.00
N THR B 276 7.29 0.54 0.58
CA THR B 276 6.82 -0.72 1.15
C THR B 276 5.93 -0.40 2.38
N SER B 277 5.19 -1.39 2.89
CA SER B 277 4.38 -1.22 4.09
C SER B 277 5.05 -1.98 5.24
N PHE B 278 4.52 -1.83 6.47
CA PHE B 278 5.04 -2.57 7.62
C PHE B 278 4.78 -4.10 7.53
N GLN B 279 3.59 -4.54 7.08
CA GLN B 279 3.25 -5.96 6.93
C GLN B 279 4.11 -6.67 5.86
N ASN B 280 4.48 -5.94 4.81
CA ASN B 280 5.33 -6.40 3.72
C ASN B 280 6.76 -6.65 4.25
N LEU B 281 7.27 -5.71 5.06
CA LEU B 281 8.54 -5.82 5.76
C LEU B 281 8.60 -7.04 6.69
N ILE B 282 7.52 -7.27 7.47
CA ILE B 282 7.38 -8.42 8.38
C ILE B 282 7.49 -9.67 7.55
N GLU B 283 6.75 -9.74 6.43
CA GLU B 283 6.78 -10.89 5.52
C GLU B 283 8.18 -11.14 4.98
N GLY B 284 8.85 -10.07 4.55
CA GLY B 284 10.22 -10.09 4.03
C GLY B 284 11.23 -10.59 5.06
N PHE B 285 11.19 -10.05 6.30
CA PHE B 285 12.13 -10.47 7.35
C PHE B 285 11.92 -11.93 7.76
N GLU B 286 10.65 -12.37 7.86
CA GLU B 286 10.26 -13.73 8.25
C GLU B 286 10.71 -14.79 7.25
N ALA B 287 10.66 -14.44 5.94
CA ALA B 287 11.15 -15.29 4.84
C ALA B 287 12.67 -15.47 4.95
N LEU B 288 13.38 -14.45 5.45
CA LEU B 288 14.85 -14.51 5.66
C LEU B 288 15.20 -15.32 6.92
N LEU B 289 14.33 -15.25 7.96
CA LEU B 289 14.48 -15.96 9.23
C LEU B 289 14.26 -17.48 9.17
N LYS B 290 13.23 -17.94 8.45
CA LYS B 290 12.89 -19.36 8.33
C LYS B 290 12.40 -19.70 6.92
C1 PEG C . -3.86 -11.60 6.14
O1 PEG C . -3.62 -12.93 5.72
C2 PEG C . -3.18 -10.57 5.25
O2 PEG C . -3.91 -10.41 4.04
C3 PEG C . -3.18 -10.75 2.86
C4 PEG C . -4.00 -11.63 1.97
O4 PEG C . -3.33 -11.95 0.75
C1 5JG D . -3.15 -4.80 -8.77
C3 5JG D . -3.22 -6.40 -6.98
C7 5JG D . -3.02 -8.47 -5.74
C8 5JG D . -2.42 -7.41 -6.40
C10 5JG D . -0.20 -8.31 -6.18
C12 5JG D . -6.69 -7.63 -6.17
C14 5JG D . -8.75 -8.27 -5.76
C15 5JG D . -8.74 -7.07 -6.45
C19 5JG D . -11.01 -8.38 -5.67
C22 5JG D . -8.91 -4.50 -7.85
C24 5JG D . -7.30 -3.99 -9.58
N26 5JG D . -7.81 -4.46 -11.97
C27 5JG D . -9.24 -4.59 -11.61
O2 5JG D . -2.54 -5.39 -7.62
C4 5JG D . -4.61 -6.49 -6.90
C5 5JG D . -5.22 -7.56 -6.25
C6 5JG D . -4.39 -8.53 -5.67
O9 5JG D . -1.07 -7.23 -6.54
F11 5JG D . -4.96 -9.56 -5.03
N13 5JG D . -7.42 -8.61 -5.58
N16 5JG D . -7.44 -6.67 -6.70
C17 5JG D . -9.98 -6.49 -6.76
C18 5JG D . -11.13 -7.19 -6.36
N20 5JG D . -9.84 -8.94 -5.36
CL 5JG D . -12.70 -6.54 -6.73
N21 5JG D . -10.07 -5.26 -7.43
C23 5JG D . -8.79 -4.03 -9.27
C25 5JG D . -7.06 -3.62 -11.02
C28 5JG D . -9.47 -5.03 -10.19
C1 5JG E . 19.58 6.75 27.42
C3 5JG E . 19.48 5.07 29.14
C7 5JG E . 19.57 3.10 30.55
C8 5JG E . 20.23 4.09 29.84
C10 5JG E . 22.40 3.15 30.23
C12 5JG E . 15.95 3.99 29.89
C14 5JG E . 13.87 3.38 30.31
C15 5JG E . 13.90 4.53 29.53
C19 5JG E . 11.61 3.27 30.37
C22 5JG E . 13.82 6.87 28.00
C24 5JG E . 15.41 7.63 26.42
N26 5JG E . 15.02 7.29 23.97
C27 5JG E . 13.58 7.07 24.26
O2 5JG E . 20.22 6.00 28.46
C4 5JG E . 18.09 5.02 29.17
C5 5JG E . 17.42 4.02 29.88
C6 5JG E . 18.20 3.09 30.55
O9 5JG E . 21.59 4.21 29.74
F11 5JG E . 17.56 2.11 31.25
N13 5JG E . 15.19 3.06 30.54
N16 5JG E . 15.20 4.90 29.27
C17 5JG E . 12.65 5.07 29.15
C18 5JG E . 11.51 4.40 29.59
N20 5JG E . 12.78 2.73 30.75
CL 5JG E . 9.94 5.01 29.15
N21 5JG E . 12.58 6.23 28.38
C23 5JG E . 13.91 7.52 26.65
C25 5JG E . 15.70 8.08 25.01
C28 5JG E . 13.30 6.55 25.64
#